data_7MRC
#
_entry.id   7MRC
#
_cell.length_a   62.360
_cell.length_b   34.890
_cell.length_c   110.690
_cell.angle_alpha   90.000
_cell.angle_beta   90.000
_cell.angle_gamma   90.000
#
_symmetry.space_group_name_H-M   'P 21 21 21'
#
loop_
_entity.id
_entity.type
_entity.pdbx_description
1 polymer 'Bromodomain testis-specific protein'
2 non-polymer 1,2-ETHANEDIOL
3 non-polymer "N,N'-{oxybis[(ethane-2,1-diyl)oxy(1-oxoethane-2,1-diyl)piperidine-1,4-diyl]}bis{4-[(4-{4-chloro-3-[(2-methylpropane-2-sulfonyl)amino]anilino}-5-methylpyrimidin-2-yl)amino]-2-fluorobenzamide}"
4 non-polymer 'DIMETHYL SULFOXIDE'
5 water water
#
_entity_poly.entity_id   1
_entity_poly.type   'polypeptide(L)'
_entity_poly.pdbx_seq_one_letter_code
;GAASTNQLQYLQKVVLKDLWKHSFSWPFQRPVDAVKLQLPDYYTIIKNPMDLNTIKKRLENKYYAKASECIEDFNTMFSN
CYLYNKPGDDIVLMAQALEKLFMQKLSQMPQEE
;
_entity_poly.pdbx_strand_id   A,B
#
loop_
_chem_comp.id
_chem_comp.type
_chem_comp.name
_chem_comp.formula
DMS non-polymer 'DIMETHYL SULFOXIDE' 'C2 H6 O S'
EDO non-polymer 1,2-ETHANEDIOL 'C2 H6 O2'
ZMS non-polymer N,N'-{oxybis[(ethane-2,1-diyl)oxy(1-oxoethane-2,1-diyl)piperidine-1,4-diyl]}bis{4-[(4-{4-chloro-3-[(2-methylpropane-2-sulfonyl)amino]anilino}-5-methylpyrimidin-2-yl)amino]-2-fluorobenzamide} 'C62 H76 Cl2 F2 N14 O11 S2'
#
# COMPACT_ATOMS: atom_id res chain seq x y z
N GLY A 1 10.35 5.41 33.87
CA GLY A 1 10.30 4.86 35.21
C GLY A 1 10.58 3.38 35.27
N ALA A 2 9.98 2.70 36.25
CA ALA A 2 10.20 1.26 36.42
C ALA A 2 9.60 0.45 35.27
N ALA A 3 8.65 1.01 34.53
CA ALA A 3 8.02 0.34 33.41
C ALA A 3 8.74 0.61 32.09
N SER A 4 9.87 1.31 32.11
CA SER A 4 10.58 1.63 30.87
C SER A 4 11.10 0.37 30.20
N THR A 5 11.71 -0.54 30.98
CA THR A 5 12.17 -1.80 30.41
C THR A 5 10.99 -2.59 29.84
N ASN A 6 9.87 -2.61 30.56
CA ASN A 6 8.65 -3.25 30.07
C ASN A 6 8.22 -2.70 28.72
N GLN A 7 8.26 -1.38 28.58
CA GLN A 7 7.78 -0.74 27.36
C GLN A 7 8.75 -0.98 26.21
N LEU A 8 10.06 -0.97 26.50
CA LEU A 8 11.06 -1.22 25.47
C LEU A 8 11.00 -2.65 24.97
N GLN A 9 10.72 -3.59 25.85
CA GLN A 9 10.60 -4.97 25.40
C GLN A 9 9.35 -5.15 24.53
N TYR A 10 8.27 -4.45 24.87
CA TYR A 10 7.09 -4.46 24.01
C TYR A 10 7.43 -3.92 22.62
N LEU A 11 8.18 -2.82 22.55
CA LEU A 11 8.57 -2.25 21.27
C LEU A 11 9.42 -3.23 20.47
N GLN A 12 10.28 -3.99 21.14
CA GLN A 12 11.13 -4.93 20.44
C GLN A 12 10.39 -6.21 20.06
N LYS A 13 9.69 -6.81 21.03
CA LYS A 13 9.10 -8.12 20.83
C LYS A 13 7.73 -8.11 20.20
N VAL A 14 7.01 -6.98 20.24
CA VAL A 14 5.69 -6.92 19.63
C VAL A 14 5.67 -5.93 18.47
N VAL A 15 5.97 -4.66 18.76
CA VAL A 15 5.80 -3.61 17.75
C VAL A 15 6.71 -3.84 16.56
N LEU A 16 8.03 -3.93 16.82
CA LEU A 16 8.98 -4.10 15.74
C LEU A 16 8.75 -5.42 15.00
N LYS A 17 8.47 -6.49 15.76
CA LYS A 17 8.23 -7.79 15.12
C LYS A 17 7.03 -7.75 14.21
N ASP A 18 5.94 -7.13 14.67
CA ASP A 18 4.72 -7.13 13.86
C ASP A 18 4.85 -6.23 12.64
N LEU A 19 5.59 -5.12 12.76
CA LEU A 19 5.86 -4.30 11.58
C LEU A 19 6.72 -5.05 10.58
N TRP A 20 7.77 -5.72 11.08
CA TRP A 20 8.65 -6.48 10.19
C TRP A 20 7.90 -7.57 9.46
N LYS A 21 7.00 -8.27 10.15
CA LYS A 21 6.25 -9.36 9.55
C LYS A 21 5.30 -8.87 8.47
N HIS A 22 4.91 -7.60 8.52
CA HIS A 22 4.00 -7.05 7.52
C HIS A 22 4.62 -7.14 6.12
N SER A 23 3.77 -7.51 5.15
CA SER A 23 4.21 -7.65 3.76
C SER A 23 4.89 -6.41 3.22
N PHE A 24 4.54 -5.22 3.73
CA PHE A 24 5.08 -3.98 3.18
C PHE A 24 6.39 -3.54 3.85
N SER A 25 6.94 -4.33 4.76
CA SER A 25 8.08 -3.83 5.53
C SER A 25 9.38 -3.82 4.73
N TRP A 26 9.47 -4.61 3.66
N TRP A 26 9.51 -4.59 3.66
CA TRP A 26 10.71 -4.83 2.92
CA TRP A 26 10.84 -4.79 3.10
C TRP A 26 11.49 -3.55 2.61
C TRP A 26 11.54 -3.52 2.61
N PRO A 27 10.88 -2.50 2.02
CA PRO A 27 11.68 -1.31 1.66
C PRO A 27 12.15 -0.49 2.85
N PHE A 28 11.69 -0.82 4.06
CA PHE A 28 12.06 -0.10 5.26
C PHE A 28 13.01 -0.90 6.15
N GLN A 29 13.42 -2.09 5.72
CA GLN A 29 14.14 -2.99 6.62
C GLN A 29 15.59 -2.56 6.80
N ARG A 30 16.22 -2.08 5.73
CA ARG A 30 17.62 -1.71 5.74
C ARG A 30 17.77 -0.27 5.28
N PRO A 31 18.90 0.38 5.56
CA PRO A 31 19.12 1.73 5.06
C PRO A 31 18.98 1.76 3.54
N VAL A 32 18.39 2.85 3.04
CA VAL A 32 18.28 3.08 1.61
C VAL A 32 19.66 3.10 0.97
N ASP A 33 19.89 2.22 0.00
CA ASP A 33 21.18 2.22 -0.69
C ASP A 33 20.99 3.16 -1.87
N ALA A 34 21.37 4.43 -1.67
CA ALA A 34 21.15 5.47 -2.66
C ALA A 34 22.01 5.31 -3.89
N VAL A 35 23.15 4.63 -3.79
CA VAL A 35 23.93 4.32 -4.99
C VAL A 35 23.18 3.31 -5.85
N LYS A 36 22.79 2.18 -5.26
CA LYS A 36 22.10 1.15 -6.02
C LYS A 36 20.77 1.65 -6.59
N LEU A 37 20.03 2.45 -5.81
CA LEU A 37 18.73 2.96 -6.25
C LEU A 37 18.85 4.23 -7.07
N GLN A 38 20.06 4.66 -7.38
CA GLN A 38 20.32 5.85 -8.19
C GLN A 38 19.53 7.06 -7.68
N LEU A 39 19.64 7.33 -6.37
CA LEU A 39 18.98 8.47 -5.73
C LEU A 39 20.03 9.41 -5.14
N PRO A 40 20.73 10.17 -5.97
CA PRO A 40 21.84 10.97 -5.44
C PRO A 40 21.42 12.13 -4.54
N ASP A 41 20.13 12.49 -4.50
CA ASP A 41 19.66 13.56 -3.62
C ASP A 41 19.10 13.03 -2.29
N TYR A 42 18.96 11.70 -2.16
CA TYR A 42 18.23 11.14 -1.02
C TYR A 42 18.82 11.61 0.31
N TYR A 43 20.14 11.46 0.47
CA TYR A 43 20.79 11.82 1.72
C TYR A 43 21.18 13.29 1.80
N THR A 44 20.84 14.07 0.78
CA THR A 44 20.88 15.53 0.89
C THR A 44 19.57 16.03 1.50
N ILE A 45 18.47 15.38 1.17
CA ILE A 45 17.15 15.74 1.68
C ILE A 45 16.90 15.11 3.04
N ILE A 46 17.34 13.88 3.22
CA ILE A 46 17.09 13.12 4.44
C ILE A 46 18.40 13.17 5.23
N LYS A 47 18.48 14.14 6.14
N LYS A 47 18.47 14.15 6.13
CA LYS A 47 19.66 14.32 6.97
CA LYS A 47 19.65 14.30 6.99
C LYS A 47 19.66 13.42 8.21
C LYS A 47 19.67 13.30 8.13
N ASN A 48 18.50 12.85 8.58
CA ASN A 48 18.38 12.00 9.75
C ASN A 48 17.69 10.70 9.37
N PRO A 49 18.36 9.84 8.61
CA PRO A 49 17.72 8.63 8.11
C PRO A 49 17.52 7.61 9.22
N MET A 50 16.54 6.73 8.99
CA MET A 50 16.20 5.68 9.94
C MET A 50 15.56 4.52 9.19
N ASP A 51 15.80 3.31 9.70
CA ASP A 51 15.27 2.09 9.11
C ASP A 51 15.02 1.07 10.21
N LEU A 52 14.30 0.00 9.87
CA LEU A 52 13.89 -0.97 10.90
C LEU A 52 15.08 -1.72 11.49
N ASN A 53 16.08 -2.04 10.68
CA ASN A 53 17.22 -2.78 11.23
C ASN A 53 18.02 -1.93 12.19
N THR A 54 18.13 -0.62 11.92
CA THR A 54 18.80 0.26 12.87
C THR A 54 18.06 0.30 14.21
N ILE A 55 16.73 0.34 14.16
CA ILE A 55 15.95 0.29 15.40
C ILE A 55 16.14 -1.05 16.09
N LYS A 56 16.11 -2.14 15.32
N LYS A 56 16.10 -2.13 15.31
CA LYS A 56 16.29 -3.48 15.88
CA LYS A 56 16.30 -3.47 15.87
C LYS A 56 17.61 -3.58 16.62
C LYS A 56 17.61 -3.57 16.63
N LYS A 57 18.69 -3.11 16.02
CA LYS A 57 20.00 -3.19 16.66
C LYS A 57 20.08 -2.29 17.88
N ARG A 58 19.50 -1.08 17.80
CA ARG A 58 19.49 -0.19 18.95
C ARG A 58 18.74 -0.81 20.13
N LEU A 59 17.66 -1.56 19.85
CA LEU A 59 16.93 -2.22 20.93
C LEU A 59 17.76 -3.36 21.51
N GLU A 60 18.33 -4.20 20.65
CA GLU A 60 19.14 -5.32 21.13
C GLU A 60 20.35 -4.82 21.91
N ASN A 61 20.98 -3.74 21.46
CA ASN A 61 22.19 -3.24 22.07
C ASN A 61 21.93 -2.30 23.24
N LYS A 62 20.68 -2.20 23.69
CA LYS A 62 20.29 -1.31 24.80
C LYS A 62 20.77 0.12 24.55
N TYR A 63 20.64 0.57 23.30
CA TYR A 63 21.03 1.93 22.94
C TYR A 63 20.09 2.96 23.56
N TYR A 64 18.81 2.63 23.69
CA TYR A 64 17.82 3.58 24.19
C TYR A 64 17.81 3.59 25.71
N ALA A 65 17.71 4.79 26.28
CA ALA A 65 17.49 4.94 27.71
C ALA A 65 16.02 4.85 28.09
N LYS A 66 15.13 5.24 27.18
CA LYS A 66 13.69 5.13 27.43
C LYS A 66 13.00 4.86 26.09
N ALA A 67 11.82 4.23 26.18
CA ALA A 67 11.02 3.89 25.01
C ALA A 67 10.69 5.09 24.13
N SER A 68 10.78 6.32 24.65
CA SER A 68 10.42 7.47 23.83
C SER A 68 11.46 7.75 22.76
N GLU A 69 12.74 7.46 23.06
CA GLU A 69 13.77 7.59 22.04
C GLU A 69 13.54 6.61 20.92
N CYS A 70 13.00 5.43 21.23
CA CYS A 70 12.68 4.44 20.20
C CYS A 70 11.48 4.88 19.37
N ILE A 71 10.43 5.37 20.01
CA ILE A 71 9.26 5.88 19.29
C ILE A 71 9.68 7.02 18.36
N GLU A 72 10.56 7.92 18.83
CA GLU A 72 11.08 8.99 17.97
C GLU A 72 11.71 8.42 16.70
N ASP A 73 12.46 7.31 16.83
CA ASP A 73 13.10 6.72 15.65
C ASP A 73 12.08 6.17 14.67
N PHE A 74 11.06 5.44 15.16
CA PHE A 74 9.99 5.00 14.27
C PHE A 74 9.33 6.19 13.58
N ASN A 75 9.02 7.23 14.36
CA ASN A 75 8.38 8.42 13.79
C ASN A 75 9.23 9.03 12.68
N THR A 76 10.54 9.10 12.91
CA THR A 76 11.46 9.65 11.91
C THR A 76 11.45 8.83 10.64
N MET A 77 11.47 7.50 10.79
CA MET A 77 11.42 6.63 9.62
C MET A 77 10.18 6.94 8.76
N PHE A 78 9.01 7.08 9.38
CA PHE A 78 7.82 7.37 8.60
C PHE A 78 7.87 8.77 8.00
N SER A 79 8.23 9.77 8.81
N SER A 79 8.22 9.77 8.82
N SER A 79 8.23 9.76 8.83
CA SER A 79 8.19 11.15 8.31
CA SER A 79 8.23 11.15 8.35
CA SER A 79 8.23 11.15 8.38
C SER A 79 9.21 11.37 7.20
C SER A 79 9.19 11.33 7.19
C SER A 79 9.20 11.35 7.22
N ASN A 80 10.36 10.68 7.25
CA ASN A 80 11.34 10.83 6.19
C ASN A 80 10.78 10.35 4.86
N CYS A 81 10.02 9.25 4.89
CA CYS A 81 9.41 8.71 3.69
C CYS A 81 8.46 9.72 3.08
N TYR A 82 7.65 10.36 3.93
CA TYR A 82 6.68 11.32 3.41
C TYR A 82 7.37 12.58 2.94
N LEU A 83 8.54 12.88 3.48
CA LEU A 83 9.26 14.08 3.07
C LEU A 83 9.91 13.89 1.70
N TYR A 84 10.63 12.78 1.50
CA TYR A 84 11.37 12.60 0.26
C TYR A 84 10.47 12.35 -0.95
N ASN A 85 9.36 11.65 -0.74
CA ASN A 85 8.51 11.18 -1.81
C ASN A 85 7.27 12.06 -1.93
N LYS A 86 6.49 11.84 -3.01
CA LYS A 86 5.29 12.63 -3.23
C LYS A 86 4.08 11.94 -2.60
N PRO A 87 3.07 12.69 -2.15
CA PRO A 87 1.83 12.03 -1.73
C PRO A 87 1.32 11.16 -2.85
N GLY A 88 0.93 9.92 -2.52
CA GLY A 88 0.44 8.98 -3.50
C GLY A 88 1.48 8.08 -4.16
N ASP A 89 2.77 8.31 -3.90
CA ASP A 89 3.77 7.38 -4.41
C ASP A 89 3.60 6.02 -3.74
N ASP A 90 4.04 4.96 -4.43
CA ASP A 90 3.85 3.60 -3.91
C ASP A 90 4.47 3.45 -2.52
N ILE A 91 5.69 3.95 -2.35
CA ILE A 91 6.38 3.79 -1.09
C ILE A 91 5.64 4.52 0.02
N VAL A 92 4.98 5.64 -0.29
CA VAL A 92 4.24 6.40 0.71
C VAL A 92 3.00 5.65 1.15
N LEU A 93 2.27 5.04 0.21
CA LEU A 93 1.12 4.25 0.60
C LEU A 93 1.54 3.03 1.41
N MET A 94 2.70 2.45 1.12
CA MET A 94 3.22 1.36 1.93
C MET A 94 3.52 1.83 3.35
N ALA A 95 4.19 2.98 3.47
CA ALA A 95 4.53 3.51 4.79
C ALA A 95 3.28 3.83 5.59
N GLN A 96 2.26 4.39 4.93
CA GLN A 96 1.03 4.74 5.63
C GLN A 96 0.36 3.52 6.23
N ALA A 97 0.37 2.40 5.52
CA ALA A 97 -0.22 1.17 6.04
C ALA A 97 0.56 0.68 7.25
N LEU A 98 1.89 0.73 7.18
CA LEU A 98 2.72 0.35 8.31
C LEU A 98 2.51 1.29 9.49
N GLU A 99 2.40 2.59 9.23
CA GLU A 99 2.21 3.55 10.31
C GLU A 99 0.87 3.32 11.00
N LYS A 100 -0.17 2.98 10.23
CA LYS A 100 -1.46 2.69 10.84
C LYS A 100 -1.34 1.52 11.81
N LEU A 101 -0.64 0.45 11.41
CA LEU A 101 -0.44 -0.69 12.28
C LEU A 101 0.40 -0.30 13.49
N PHE A 102 1.45 0.50 13.26
CA PHE A 102 2.30 0.98 14.34
C PHE A 102 1.47 1.71 15.40
N MET A 103 0.58 2.61 14.97
N MET A 103 0.56 2.58 14.99
CA MET A 103 -0.28 3.34 15.91
CA MET A 103 -0.23 3.33 15.97
C MET A 103 -1.15 2.40 16.73
C MET A 103 -1.21 2.44 16.72
N GLN A 104 -1.71 1.38 16.09
CA GLN A 104 -2.50 0.40 16.82
C GLN A 104 -1.66 -0.28 17.89
N LYS A 105 -0.46 -0.72 17.52
CA LYS A 105 0.38 -1.42 18.48
C LYS A 105 0.74 -0.51 19.64
N LEU A 106 1.01 0.77 19.37
CA LEU A 106 1.32 1.69 20.46
C LEU A 106 0.13 1.85 21.40
N SER A 107 -1.09 1.89 20.85
CA SER A 107 -2.28 2.06 21.68
C SER A 107 -2.50 0.90 22.63
N GLN A 108 -1.82 -0.23 22.41
CA GLN A 108 -1.94 -1.41 23.27
C GLN A 108 -0.70 -1.62 24.13
N MET A 109 0.20 -0.63 24.22
CA MET A 109 1.43 -0.84 24.97
C MET A 109 1.15 -0.86 26.47
N PRO A 110 1.79 -1.76 27.21
CA PRO A 110 1.45 -1.93 28.64
C PRO A 110 1.70 -0.67 29.45
N GLN A 111 0.85 -0.48 30.46
CA GLN A 111 0.97 0.61 31.42
C GLN A 111 1.40 0.08 32.79
N GLU A 112 2.27 -0.93 32.81
CA GLU A 112 2.69 -1.56 34.05
C GLU A 112 3.79 -0.75 34.74
N GLY B 1 -28.62 -5.70 -17.73
CA GLY B 1 -29.29 -4.60 -18.38
C GLY B 1 -28.41 -3.84 -19.35
N ALA B 2 -27.28 -3.32 -18.85
CA ALA B 2 -26.32 -2.56 -19.64
C ALA B 2 -26.98 -1.36 -20.31
N ALA B 3 -27.08 -0.25 -19.58
CA ALA B 3 -27.66 1.01 -20.04
C ALA B 3 -29.17 0.90 -20.29
N SER B 4 -29.92 1.96 -20.00
CA SER B 4 -29.41 3.20 -19.43
C SER B 4 -30.39 3.76 -18.40
N THR B 5 -29.88 4.28 -17.29
CA THR B 5 -28.45 4.34 -16.99
C THR B 5 -28.19 3.92 -15.54
N ASN B 6 -29.21 3.34 -14.92
CA ASN B 6 -29.13 3.04 -13.49
C ASN B 6 -27.98 2.10 -13.17
N GLN B 7 -27.63 1.19 -14.09
CA GLN B 7 -26.55 0.26 -13.82
C GLN B 7 -25.19 0.97 -13.85
N LEU B 8 -25.00 1.90 -14.78
CA LEU B 8 -23.76 2.67 -14.77
C LEU B 8 -23.67 3.54 -13.52
N GLN B 9 -24.80 4.07 -13.04
CA GLN B 9 -24.75 4.82 -11.79
C GLN B 9 -24.38 3.91 -10.63
N TYR B 10 -24.90 2.69 -10.62
CA TYR B 10 -24.54 1.73 -9.58
C TYR B 10 -23.05 1.42 -9.65
N LEU B 11 -22.51 1.25 -10.86
CA LEU B 11 -21.09 0.94 -11.00
C LEU B 11 -20.22 2.09 -10.48
N GLN B 12 -20.67 3.33 -10.66
CA GLN B 12 -19.89 4.46 -10.19
C GLN B 12 -20.06 4.67 -8.69
N LYS B 13 -21.30 4.74 -8.22
CA LYS B 13 -21.56 5.18 -6.86
C LYS B 13 -21.46 4.07 -5.83
N VAL B 14 -21.53 2.82 -6.25
CA VAL B 14 -21.43 1.69 -5.33
C VAL B 14 -20.20 0.85 -5.60
N VAL B 15 -20.10 0.29 -6.81
CA VAL B 15 -19.05 -0.70 -7.07
C VAL B 15 -17.68 -0.04 -7.04
N LEU B 16 -17.48 1.00 -7.86
CA LEU B 16 -16.17 1.67 -7.88
C LEU B 16 -15.84 2.28 -6.52
N LYS B 17 -16.81 2.94 -5.89
CA LYS B 17 -16.57 3.55 -4.59
C LYS B 17 -16.14 2.52 -3.57
N ASP B 18 -16.84 1.38 -3.51
CA ASP B 18 -16.54 0.40 -2.48
C ASP B 18 -15.22 -0.32 -2.75
N LEU B 19 -14.92 -0.59 -4.03
CA LEU B 19 -13.61 -1.14 -4.33
C LEU B 19 -12.52 -0.15 -3.97
N TRP B 20 -12.72 1.12 -4.33
CA TRP B 20 -11.70 2.14 -4.07
C TRP B 20 -11.38 2.25 -2.59
N LYS B 21 -12.42 2.24 -1.75
CA LYS B 21 -12.25 2.35 -0.31
C LYS B 21 -11.55 1.14 0.29
N HIS B 22 -11.52 0.01 -0.42
CA HIS B 22 -10.88 -1.18 0.13
C HIS B 22 -9.38 -0.99 0.22
N SER B 23 -8.77 -1.48 1.31
CA SER B 23 -7.35 -1.25 1.54
C SER B 23 -6.44 -1.93 0.52
N PHE B 24 -6.95 -2.90 -0.25
CA PHE B 24 -6.17 -3.56 -1.29
C PHE B 24 -6.23 -2.85 -2.63
N SER B 25 -6.98 -1.76 -2.75
CA SER B 25 -7.20 -1.17 -4.08
C SER B 25 -6.05 -0.29 -4.55
N TRP B 26 -5.25 0.28 -3.65
CA TRP B 26 -4.29 1.28 -4.10
C TRP B 26 -3.28 0.79 -5.14
N PRO B 27 -2.81 -0.47 -5.16
CA PRO B 27 -1.90 -0.88 -6.24
C PRO B 27 -2.54 -0.92 -7.60
N PHE B 28 -3.87 -0.80 -7.67
CA PHE B 28 -4.62 -0.86 -8.90
C PHE B 28 -5.20 0.47 -9.31
N GLN B 29 -4.90 1.55 -8.57
CA GLN B 29 -5.54 2.82 -8.84
C GLN B 29 -4.88 3.58 -9.99
N ARG B 30 -3.56 3.55 -10.08
CA ARG B 30 -2.80 4.41 -10.97
C ARG B 30 -1.90 3.55 -11.86
N PRO B 31 -1.37 4.11 -12.94
CA PRO B 31 -0.58 3.31 -13.88
C PRO B 31 0.66 2.74 -13.20
N VAL B 32 0.96 1.50 -13.58
CA VAL B 32 2.12 0.77 -13.03
C VAL B 32 3.41 1.42 -13.53
N ASP B 33 4.33 1.69 -12.59
CA ASP B 33 5.68 2.11 -12.96
C ASP B 33 6.52 0.84 -13.00
N ALA B 34 6.65 0.26 -14.19
CA ALA B 34 7.34 -1.00 -14.33
C ALA B 34 8.83 -0.87 -14.05
N VAL B 35 9.40 0.33 -14.19
CA VAL B 35 10.80 0.50 -13.86
C VAL B 35 11.02 0.44 -12.37
N LYS B 36 10.22 1.21 -11.60
CA LYS B 36 10.40 1.20 -10.16
C LYS B 36 10.01 -0.14 -9.56
N LEU B 37 9.01 -0.78 -10.12
CA LEU B 37 8.56 -2.05 -9.53
C LEU B 37 9.34 -3.25 -10.06
N GLN B 38 10.25 -3.05 -11.02
CA GLN B 38 11.14 -4.10 -11.53
C GLN B 38 10.35 -5.20 -12.21
N LEU B 39 9.51 -4.78 -13.16
CA LEU B 39 8.60 -5.68 -13.87
C LEU B 39 9.04 -5.75 -15.32
N PRO B 40 9.96 -6.65 -15.67
CA PRO B 40 10.42 -6.71 -17.06
C PRO B 40 9.27 -7.02 -18.01
N ASP B 41 9.28 -6.32 -19.15
CA ASP B 41 8.37 -6.54 -20.25
C ASP B 41 6.92 -6.24 -19.91
N TYR B 42 6.65 -5.50 -18.84
CA TYR B 42 5.28 -5.30 -18.40
C TYR B 42 4.39 -4.75 -19.51
N TYR B 43 4.83 -3.68 -20.17
CA TYR B 43 3.99 -3.06 -21.17
C TYR B 43 4.11 -3.70 -22.54
N THR B 44 4.92 -4.76 -22.67
CA THR B 44 4.87 -5.66 -23.81
C THR B 44 3.85 -6.76 -23.58
N ILE B 45 3.83 -7.31 -22.38
CA ILE B 45 2.91 -8.41 -22.08
C ILE B 45 1.48 -7.89 -21.96
N ILE B 46 1.30 -6.71 -21.34
CA ILE B 46 -0.02 -6.15 -21.09
C ILE B 46 -0.29 -5.12 -22.18
N LYS B 47 -1.09 -5.52 -23.18
CA LYS B 47 -1.35 -4.67 -24.34
C LYS B 47 -2.34 -3.55 -24.02
N ASN B 48 -3.29 -3.80 -23.12
CA ASN B 48 -4.35 -2.86 -22.78
C ASN B 48 -4.39 -2.69 -21.27
N PRO B 49 -3.46 -1.92 -20.72
CA PRO B 49 -3.46 -1.69 -19.27
C PRO B 49 -4.73 -0.98 -18.82
N MET B 50 -5.14 -1.28 -17.60
CA MET B 50 -6.32 -0.67 -17.02
C MET B 50 -6.11 -0.49 -15.53
N ASP B 51 -6.61 0.63 -15.00
CA ASP B 51 -6.53 0.90 -13.58
C ASP B 51 -7.82 1.57 -13.14
N LEU B 52 -7.98 1.71 -11.82
CA LEU B 52 -9.24 2.22 -11.30
C LEU B 52 -9.45 3.69 -11.62
N ASN B 53 -8.36 4.48 -11.68
CA ASN B 53 -8.52 5.88 -12.04
C ASN B 53 -9.05 6.04 -13.46
N THR B 54 -8.66 5.15 -14.37
CA THR B 54 -9.18 5.22 -15.74
C THR B 54 -10.67 4.90 -15.77
N ILE B 55 -11.08 3.89 -15.01
CA ILE B 55 -12.50 3.56 -14.90
C ILE B 55 -13.25 4.73 -14.26
N LYS B 56 -12.66 5.33 -13.22
CA LYS B 56 -13.27 6.48 -12.58
C LYS B 56 -13.50 7.61 -13.58
N LYS B 57 -12.47 7.94 -14.37
CA LYS B 57 -12.59 9.05 -15.31
C LYS B 57 -13.58 8.71 -16.41
N ARG B 58 -13.60 7.46 -16.86
CA ARG B 58 -14.53 7.07 -17.92
C ARG B 58 -15.98 7.14 -17.44
N LEU B 59 -16.23 6.77 -16.18
CA LEU B 59 -17.59 6.92 -15.64
C LEU B 59 -17.96 8.39 -15.48
N GLU B 60 -17.02 9.22 -15.03
CA GLU B 60 -17.30 10.64 -14.84
C GLU B 60 -17.53 11.34 -16.17
N ASN B 61 -16.79 10.96 -17.20
CA ASN B 61 -16.89 11.58 -18.52
C ASN B 61 -17.98 10.96 -19.39
N LYS B 62 -18.72 9.98 -18.86
CA LYS B 62 -19.77 9.28 -19.61
C LYS B 62 -19.22 8.67 -20.90
N TYR B 63 -18.08 7.98 -20.74
CA TYR B 63 -17.43 7.30 -21.85
C TYR B 63 -18.23 6.07 -22.28
N TYR B 64 -18.76 5.31 -21.33
CA TYR B 64 -19.37 4.03 -21.61
C TYR B 64 -20.75 4.17 -22.23
N ALA B 65 -21.03 3.36 -23.23
CA ALA B 65 -22.38 3.27 -23.80
C ALA B 65 -23.27 2.34 -23.01
N LYS B 66 -22.70 1.47 -22.17
CA LYS B 66 -23.51 0.52 -21.41
C LYS B 66 -22.67 -0.03 -20.28
N ALA B 67 -23.38 -0.58 -19.28
CA ALA B 67 -22.73 -1.10 -18.09
C ALA B 67 -21.76 -2.22 -18.42
N SER B 68 -22.10 -3.05 -19.40
CA SER B 68 -21.22 -4.18 -19.74
C SER B 68 -19.83 -3.72 -20.14
N GLU B 69 -19.73 -2.53 -20.77
CA GLU B 69 -18.44 -2.01 -21.20
C GLU B 69 -17.58 -1.64 -20.00
N CYS B 70 -18.20 -1.10 -18.96
CA CYS B 70 -17.49 -0.76 -17.74
C CYS B 70 -17.06 -2.02 -17.01
N ILE B 71 -17.96 -2.99 -16.90
CA ILE B 71 -17.61 -4.28 -16.31
C ILE B 71 -16.44 -4.92 -17.06
N GLU B 72 -16.40 -4.77 -18.39
CA GLU B 72 -15.27 -5.29 -19.17
C GLU B 72 -13.95 -4.64 -18.75
N ASP B 73 -13.96 -3.33 -18.45
CA ASP B 73 -12.72 -2.69 -18.00
C ASP B 73 -12.27 -3.23 -16.65
N PHE B 74 -13.20 -3.45 -15.71
CA PHE B 74 -12.83 -4.09 -14.46
C PHE B 74 -12.22 -5.46 -14.73
N ASN B 75 -12.85 -6.23 -15.62
N ASN B 75 -12.86 -6.24 -15.60
CA ASN B 75 -12.35 -7.58 -15.88
CA ASN B 75 -12.36 -7.59 -15.90
C ASN B 75 -10.98 -7.56 -16.53
C ASN B 75 -10.96 -7.52 -16.48
N THR B 76 -10.71 -6.55 -17.36
CA THR B 76 -9.37 -6.40 -17.95
C THR B 76 -8.33 -6.07 -16.89
N MET B 77 -8.69 -5.23 -15.93
CA MET B 77 -7.77 -4.91 -14.84
C MET B 77 -7.37 -6.16 -14.07
N PHE B 78 -8.36 -7.01 -13.76
CA PHE B 78 -8.05 -8.24 -13.03
C PHE B 78 -7.29 -9.23 -13.90
N SER B 79 -7.78 -9.49 -15.11
CA SER B 79 -7.12 -10.47 -15.98
C SER B 79 -5.70 -10.05 -16.36
N ASN B 80 -5.44 -8.74 -16.53
CA ASN B 80 -4.06 -8.30 -16.79
C ASN B 80 -3.15 -8.70 -15.63
N CYS B 81 -3.63 -8.53 -14.39
CA CYS B 81 -2.82 -8.89 -13.22
C CYS B 81 -2.49 -10.38 -13.21
N TYR B 82 -3.51 -11.22 -13.47
CA TYR B 82 -3.28 -12.65 -13.51
C TYR B 82 -2.41 -13.07 -14.68
N LEU B 83 -2.48 -12.34 -15.80
CA LEU B 83 -1.67 -12.66 -16.97
C LEU B 83 -0.19 -12.43 -16.71
N TYR B 84 0.15 -11.29 -16.10
CA TYR B 84 1.56 -10.90 -15.98
C TYR B 84 2.25 -11.62 -14.83
N ASN B 85 1.54 -11.81 -13.72
CA ASN B 85 2.15 -12.15 -12.45
C ASN B 85 2.12 -13.65 -12.18
N LYS B 86 2.90 -14.05 -11.17
CA LYS B 86 2.91 -15.42 -10.68
C LYS B 86 1.68 -15.68 -9.80
N PRO B 87 1.09 -16.86 -9.89
CA PRO B 87 -0.16 -17.13 -9.17
C PRO B 87 -0.12 -16.84 -7.68
N GLY B 88 1.03 -17.05 -7.02
CA GLY B 88 1.07 -16.83 -5.59
C GLY B 88 1.54 -15.47 -5.15
N ASP B 89 1.78 -14.54 -6.06
CA ASP B 89 2.31 -13.24 -5.67
C ASP B 89 1.30 -12.46 -4.86
N ASP B 90 1.79 -11.55 -4.01
CA ASP B 90 0.91 -10.76 -3.16
C ASP B 90 -0.07 -9.94 -3.99
N ILE B 91 0.38 -9.42 -5.14
CA ILE B 91 -0.49 -8.61 -5.96
C ILE B 91 -1.67 -9.43 -6.49
N VAL B 92 -1.43 -10.71 -6.79
CA VAL B 92 -2.50 -11.57 -7.29
C VAL B 92 -3.50 -11.89 -6.18
N LEU B 93 -3.00 -12.16 -4.98
CA LEU B 93 -3.89 -12.39 -3.85
C LEU B 93 -4.74 -11.16 -3.57
N MET B 94 -4.14 -9.97 -3.71
CA MET B 94 -4.90 -8.74 -3.55
C MET B 94 -5.97 -8.61 -4.63
N ALA B 95 -5.60 -8.82 -5.90
CA ALA B 95 -6.57 -8.76 -6.98
C ALA B 95 -7.70 -9.74 -6.77
N GLN B 96 -7.38 -10.95 -6.31
CA GLN B 96 -8.40 -11.98 -6.14
C GLN B 96 -9.40 -11.55 -5.09
N ALA B 97 -8.94 -10.91 -4.02
CA ALA B 97 -9.87 -10.45 -3.00
C ALA B 97 -10.74 -9.32 -3.53
N LEU B 98 -10.17 -8.40 -4.29
CA LEU B 98 -10.96 -7.34 -4.90
C LEU B 98 -11.97 -7.91 -5.89
N GLU B 99 -11.56 -8.95 -6.63
CA GLU B 99 -12.45 -9.49 -7.65
C GLU B 99 -13.63 -10.21 -7.01
N LYS B 100 -13.40 -10.91 -5.89
CA LYS B 100 -14.53 -11.50 -5.18
C LYS B 100 -15.50 -10.41 -4.70
N LEU B 101 -14.95 -9.30 -4.20
CA LEU B 101 -15.81 -8.19 -3.76
C LEU B 101 -16.59 -7.62 -4.94
N PHE B 102 -15.90 -7.43 -6.07
CA PHE B 102 -16.53 -6.97 -7.30
C PHE B 102 -17.71 -7.86 -7.69
N MET B 103 -17.50 -9.18 -7.72
N MET B 103 -17.50 -9.17 -7.73
CA MET B 103 -18.57 -10.09 -8.13
CA MET B 103 -18.56 -10.09 -8.12
C MET B 103 -19.73 -10.06 -7.14
C MET B 103 -19.73 -10.04 -7.15
N GLN B 104 -19.44 -9.94 -5.84
CA GLN B 104 -20.50 -9.77 -4.85
C GLN B 104 -21.32 -8.52 -5.13
N LYS B 105 -20.65 -7.40 -5.42
CA LYS B 105 -21.40 -6.18 -5.70
C LYS B 105 -22.21 -6.33 -6.98
N LEU B 106 -21.67 -7.04 -7.98
CA LEU B 106 -22.43 -7.24 -9.20
C LEU B 106 -23.69 -8.06 -8.96
N SER B 107 -23.66 -8.97 -7.98
CA SER B 107 -24.84 -9.73 -7.65
C SER B 107 -26.00 -8.86 -7.20
N GLN B 108 -25.71 -7.64 -6.74
CA GLN B 108 -26.74 -6.71 -6.27
C GLN B 108 -27.00 -5.59 -7.26
N MET B 109 -26.49 -5.72 -8.48
CA MET B 109 -26.77 -4.77 -9.54
C MET B 109 -28.27 -4.63 -9.79
N PRO B 110 -28.82 -3.42 -9.79
CA PRO B 110 -30.25 -3.27 -10.12
C PRO B 110 -30.53 -3.60 -11.57
N GLN B 111 -31.78 -3.97 -11.82
CA GLN B 111 -32.20 -4.33 -13.16
C GLN B 111 -32.25 -3.11 -14.06
N GLU B 112 -32.04 -3.34 -15.37
CA GLU B 112 -31.92 -2.32 -16.45
C GLU B 112 -30.52 -1.70 -16.50
C1 EDO C . 7.14 -3.88 -4.40
O1 EDO C . 6.31 -2.80 -3.98
C2 EDO C . 7.44 -4.74 -3.19
O2 EDO C . 7.97 -3.91 -2.15
C1 EDO D . 15.00 14.65 7.82
O1 EDO D . 15.67 13.39 7.97
C2 EDO D . 15.77 15.70 7.00
O2 EDO D . 15.18 16.96 7.36
C1 EDO E . 0.58 -7.95 12.85
O1 EDO E . -0.60 -7.45 13.49
C2 EDO E . 0.58 -7.54 11.38
O2 EDO E . 1.83 -7.85 10.77
C14 ZMS F . 14.45 3.01 -9.33
C15 ZMS F . 15.73 2.82 -8.86
C16 ZMS F . 16.74 2.42 -9.93
C19 ZMS F . 13.91 2.01 -10.08
O23 ZMS F . 18.31 -1.76 -9.78
C24 ZMS F . 19.27 -1.91 -8.77
C25 ZMS F . 19.45 -3.45 -8.52
O26 ZMS F . 18.15 -3.96 -8.15
C27 ZMS F . 18.09 -5.40 -8.30
C30 ZMS F . 15.04 -5.99 -6.40
C31 ZMS F . 14.05 -4.82 -6.20
C34 ZMS F . 12.18 -6.57 -5.86
C35 ZMS F . 10.90 -6.77 -6.65
C36 ZMS F . 9.92 -5.73 -6.26
C37 ZMS F . 10.41 -4.38 -6.55
C38 ZMS F . 11.65 -4.10 -5.74
C40 ZMS F . 7.66 -6.84 -6.66
O41 ZMS F . 7.81 -7.59 -5.74
C42 ZMS F . 6.42 -6.84 -7.55
C43 ZMS F . 5.98 -8.06 -8.09
C01 ZMS F . 12.40 3.95 2.68
C02 ZMS F . 12.27 4.56 1.30
C03 ZMS F . 11.91 5.90 1.15
C05 ZMS F . 12.06 5.64 -1.13
C07 ZMS F . 12.26 5.73 -3.75
C08 ZMS F . 11.92 6.54 -4.80
C09 ZMS F . 12.27 6.15 -6.11
C10 ZMS F . 12.90 4.95 -6.29
C11 ZMS F . 13.38 4.58 -7.73
C18 ZMS F . 14.92 1.67 -11.20
C20 ZMS F . 16.87 -0.17 -10.79
C22 ZMS F . 18.23 -0.41 -10.15
C28 ZMS F . 16.63 -5.79 -8.14
C44 ZMS F . 4.87 -8.02 -8.92
C45 ZMS F . 4.21 -6.81 -9.21
C47 ZMS F . 2.02 -5.95 -10.30
C49 ZMS F . 0.85 -4.14 -9.73
C51 ZMS F . 1.54 -2.48 -7.87
C52 ZMS F . 1.53 -1.13 -7.60
C53 ZMS F . 2.35 -0.65 -6.58
C54 ZMS F . 3.12 -1.54 -5.85
C56 ZMS F . 3.10 -2.88 -6.11
C61 ZMS F . 2.55 -4.84 -3.10
C62 ZMS F . 3.44 -4.06 -2.16
C63 ZMS F . 2.13 -6.19 -2.46
C64 ZMS F . 1.27 -4.00 -3.48
C65 ZMS F . 2.31 -3.40 -7.13
C66 ZMS F . -0.12 -4.43 -10.69
C67 ZMS F . -1.35 -3.53 -10.90
C68 ZMS F . 0.06 -5.55 -11.44
C70 ZMS F . 4.66 -5.60 -8.68
C71 ZMS F . 5.78 -5.64 -7.85
C73 ZMS F . 13.29 4.15 -5.19
C75 ZMS F . 12.95 4.53 -3.91
C77 ZMS F . 12.52 3.81 0.14
C79 ZMS F . 13.07 1.54 -0.88
C80 ZMS F . 12.30 1.70 -2.04
C81 ZMS F . 12.53 0.83 -3.10
C86 ZMS F . 9.15 -0.03 -4.20
C87 ZMS F . 7.66 0.40 -4.41
C88 ZMS F . 9.38 -0.45 -2.72
C89 ZMS F . 9.61 -1.14 -5.16
C90 ZMS F . 13.48 -0.17 -2.98
C92 ZMS F . 14.23 -0.34 -1.83
C93 ZMS F . 14.03 0.54 -0.78
F72 ZMS F . 6.22 -4.46 -7.33
F74 ZMS F . 13.97 2.96 -5.33
N04 ZMS F . 11.81 6.37 -0.08
N06 ZMS F . 11.87 6.28 -2.43
N13 ZMS F . 13.80 3.25 -8.00
N17 ZMS F . 16.29 1.11 -10.65
N33 ZMS F . 12.68 -5.17 -5.95
N39 ZMS F . 8.68 -5.86 -7.02
N46 ZMS F . 3.11 -6.87 -10.14
N48 ZMS F . 1.93 -4.89 -9.54
N50 ZMS F . 0.65 -2.94 -8.96
N57 ZMS F . 4.01 -3.72 -5.30
N69 ZMS F . 1.13 -6.28 -11.23
N76 ZMS F . 12.41 4.35 -1.04
N78 ZMS F . 12.91 2.40 0.27
N82 ZMS F . 11.82 0.94 -4.38
O12 ZMS F . 13.54 5.46 -8.52
O21 ZMS F . 16.26 -0.98 -11.41
O29 ZMS F . 16.26 -5.38 -6.81
O32 ZMS F . 14.38 -3.68 -6.27
O59 ZMS F . 4.69 -5.97 -4.25
O60 ZMS F . 2.67 -6.00 -5.54
O84 ZMS F . 9.95 1.87 -5.94
O85 ZMS F . 9.83 2.54 -3.62
S58 ZMS F . 3.49 -5.21 -4.61
S83 ZMS F . 10.18 1.46 -4.55
CL55 ZMS F . 4.15 -0.94 -4.52
CL91 ZMS F . 13.71 -1.25 -4.37
C1 EDO G . -24.61 -7.61 -0.46
O1 EDO G . -24.74 -8.03 0.90
C2 EDO G . -23.21 -7.10 -0.71
O2 EDO G . -23.10 -6.52 -2.02
C1 EDO H . 10.42 -2.12 -17.18
O1 EDO H . 9.74 -3.23 -17.80
C2 EDO H . 11.92 -2.26 -17.38
O2 EDO H . 12.33 -3.55 -16.93
S DMS I . -13.45 7.28 -5.47
O DMS I . -13.30 8.76 -5.66
C1 DMS I . -15.03 6.93 -4.65
C2 DMS I . -13.78 6.52 -7.08
#